data_5NM9
#
_entry.id   5NM9
#
_cell.length_a   37.150
_cell.length_b   76.980
_cell.length_c   145.040
_cell.angle_alpha   90.00
_cell.angle_beta   90.00
_cell.angle_gamma   90.00
#
_symmetry.space_group_name_H-M   'P 21 21 21'
#
loop_
_entity.id
_entity.type
_entity.pdbx_description
1 polymer 'Mothers against decapentaplegic homolog'
2 polymer "DNA (5'-D(P*AP*TP*GP*CP*GP*GP*GP*CP*GP*CP*GP*CP*CP*CP*GP*CP*AP*T)-3')"
3 non-polymer 'ZINC ION'
4 water water
#
loop_
_entity_poly.entity_id
_entity_poly.type
_entity_poly.pdbx_seq_one_letter_code
_entity_poly.pdbx_strand_id
1 'polypeptide(L)'
;GPGMSASGSGDATLGIVHTLMCHRQGGESENFAKRAVESLVKKLKDKRDELDALITAVTSNGIQQSKCVTIARTLDGRLQ
VAGKKGFPHVIYSRIWRWPDLHKNELKHIKLCKFAFDLKLDHVCVNPYHYERVISPGYNVTDI
;
A,B
2 'polydeoxyribonucleotide' (DA)(DT)(DG)(DC)(DG)(DG)(DG)(DC)(DG)(DC)(DG)(DC)(DC)(DC)(DG)(DC)(DA)(DT) C,D
#
# COMPACT_ATOMS: atom_id res chain seq x y z
N ALA A 12 -1.68 -11.15 -26.36
CA ALA A 12 -2.29 -10.96 -25.04
C ALA A 12 -1.31 -10.39 -23.97
N THR A 13 -0.02 -10.80 -24.04
CA THR A 13 1.05 -10.31 -23.15
C THR A 13 1.41 -8.85 -23.49
N LEU A 14 1.11 -8.39 -24.74
CA LEU A 14 1.31 -7.01 -25.21
C LEU A 14 0.50 -6.03 -24.37
N GLY A 15 -0.76 -6.40 -24.05
CA GLY A 15 -1.68 -5.62 -23.21
C GLY A 15 -1.15 -5.49 -21.81
N ILE A 16 -0.69 -6.62 -21.23
CA ILE A 16 -0.06 -6.70 -19.91
C ILE A 16 1.22 -5.85 -19.86
N VAL A 17 2.12 -6.02 -20.85
CA VAL A 17 3.40 -5.30 -20.93
C VAL A 17 3.16 -3.80 -21.00
N HIS A 18 2.23 -3.37 -21.88
CA HIS A 18 1.87 -1.97 -22.05
C HIS A 18 1.35 -1.33 -20.78
N THR A 19 0.41 -2.03 -20.08
CA THR A 19 -0.20 -1.62 -18.81
C THR A 19 0.88 -1.42 -17.76
N LEU A 20 1.85 -2.34 -17.67
CA LEU A 20 2.95 -2.24 -16.70
C LEU A 20 3.92 -1.08 -17.04
N MET A 21 4.18 -0.89 -18.35
CA MET A 21 5.04 0.15 -18.91
C MET A 21 4.55 1.57 -18.63
N CYS A 22 3.21 1.78 -18.56
CA CYS A 22 2.60 3.09 -18.30
C CYS A 22 2.87 3.63 -16.90
N HIS A 23 3.28 2.75 -15.98
CA HIS A 23 3.60 3.06 -14.59
C HIS A 23 5.08 3.30 -14.34
N ARG A 24 5.90 3.25 -15.42
CA ARG A 24 7.34 3.50 -15.35
C ARG A 24 7.65 4.96 -15.01
N GLN A 25 8.81 5.18 -14.38
CA GLN A 25 9.20 6.50 -13.90
C GLN A 25 10.11 7.32 -14.85
N GLY A 26 10.72 6.67 -15.84
CA GLY A 26 11.57 7.34 -16.82
C GLY A 26 13.04 7.44 -16.44
N GLY A 27 13.47 6.56 -15.54
CA GLY A 27 14.85 6.49 -15.09
C GLY A 27 15.70 5.65 -16.03
N GLU A 28 15.06 5.03 -17.02
CA GLU A 28 15.71 4.17 -18.02
C GLU A 28 15.16 4.52 -19.37
N SER A 29 15.87 4.11 -20.43
CA SER A 29 15.42 4.30 -21.80
C SER A 29 14.17 3.43 -22.07
N GLU A 30 13.37 3.81 -23.07
CA GLU A 30 12.16 3.11 -23.49
C GLU A 30 12.48 1.67 -23.87
N ASN A 31 13.58 1.46 -24.62
CA ASN A 31 14.07 0.15 -25.06
C ASN A 31 14.44 -0.73 -23.85
N PHE A 32 15.13 -0.13 -22.84
CA PHE A 32 15.56 -0.81 -21.63
C PHE A 32 14.36 -1.27 -20.78
N ALA A 33 13.43 -0.34 -20.52
CA ALA A 33 12.23 -0.60 -19.73
C ALA A 33 11.33 -1.62 -20.41
N LYS A 34 11.12 -1.50 -21.75
CA LYS A 34 10.30 -2.42 -22.54
C LYS A 34 10.88 -3.84 -22.41
N ARG A 35 12.20 -3.96 -22.61
CA ARG A 35 12.91 -5.24 -22.56
C ARG A 35 12.85 -5.86 -21.18
N ALA A 36 13.06 -5.09 -20.12
CA ALA A 36 12.95 -5.57 -18.74
C ALA A 36 11.53 -5.98 -18.37
N VAL A 37 10.52 -5.28 -18.89
CA VAL A 37 9.13 -5.61 -18.57
C VAL A 37 8.71 -6.87 -19.35
N GLU A 38 9.09 -6.96 -20.65
CA GLU A 38 8.81 -8.13 -21.49
C GLU A 38 9.48 -9.39 -20.95
N SER A 39 10.70 -9.26 -20.46
CA SER A 39 11.50 -10.37 -19.91
C SER A 39 10.86 -10.92 -18.65
N LEU A 40 10.43 -10.04 -17.73
CA LEU A 40 9.77 -10.42 -16.48
C LEU A 40 8.42 -11.09 -16.76
N VAL A 41 7.57 -10.47 -17.59
CA VAL A 41 6.27 -11.03 -17.96
C VAL A 41 6.43 -12.46 -18.55
N LYS A 42 7.40 -12.67 -19.46
CA LYS A 42 7.70 -13.96 -20.06
C LYS A 42 8.09 -14.99 -18.97
N LYS A 43 8.90 -14.58 -17.96
CA LYS A 43 9.32 -15.44 -16.84
C LYS A 43 8.13 -15.91 -15.97
N LEU A 44 7.07 -15.08 -15.91
CA LEU A 44 5.85 -15.36 -15.15
C LEU A 44 4.75 -16.03 -15.98
N LYS A 45 5.03 -16.39 -17.25
CA LYS A 45 4.12 -17.08 -18.20
C LYS A 45 3.31 -18.22 -17.57
N ASP A 46 3.98 -19.09 -16.80
CA ASP A 46 3.33 -20.21 -16.14
C ASP A 46 3.27 -20.04 -14.61
N LYS A 47 3.21 -18.77 -14.16
CA LYS A 47 3.09 -18.34 -12.76
C LYS A 47 1.98 -17.24 -12.66
N ARG A 48 0.73 -17.65 -12.94
CA ARG A 48 -0.47 -16.79 -12.94
C ARG A 48 -0.65 -16.00 -11.66
N ASP A 49 -0.41 -16.63 -10.50
CA ASP A 49 -0.50 -16.02 -9.17
C ASP A 49 0.52 -14.88 -9.00
N GLU A 50 1.77 -15.06 -9.51
CA GLU A 50 2.82 -14.06 -9.42
C GLU A 50 2.63 -12.95 -10.45
N LEU A 51 2.09 -13.29 -11.64
CA LEU A 51 1.79 -12.27 -12.66
C LEU A 51 0.63 -11.37 -12.16
N ASP A 52 -0.37 -11.98 -11.50
CA ASP A 52 -1.52 -11.28 -10.93
C ASP A 52 -1.06 -10.37 -9.80
N ALA A 53 -0.11 -10.84 -8.95
CA ALA A 53 0.49 -10.09 -7.85
C ALA A 53 1.19 -8.84 -8.36
N LEU A 54 2.00 -8.96 -9.45
CA LEU A 54 2.71 -7.84 -10.07
C LEU A 54 1.76 -6.80 -10.59
N ILE A 55 0.74 -7.22 -11.38
CA ILE A 55 -0.27 -6.31 -11.94
C ILE A 55 -1.00 -5.56 -10.84
N THR A 56 -1.45 -6.30 -9.79
CA THR A 56 -2.13 -5.75 -8.63
C THR A 56 -1.27 -4.67 -7.97
N ALA A 57 -0.02 -5.02 -7.63
CA ALA A 57 0.95 -4.13 -7.00
C ALA A 57 1.23 -2.85 -7.80
N VAL A 58 1.52 -2.99 -9.10
CA VAL A 58 1.87 -1.90 -10.00
C VAL A 58 0.70 -0.98 -10.33
N THR A 59 -0.44 -1.54 -10.79
CA THR A 59 -1.61 -0.75 -11.21
C THR A 59 -2.33 -0.05 -10.06
N SER A 60 -2.14 -0.53 -8.82
CA SER A 60 -2.76 0.11 -7.65
C SER A 60 -1.74 1.01 -6.92
N ASN A 61 -0.51 1.11 -7.45
CA ASN A 61 0.58 1.88 -6.87
C ASN A 61 0.90 1.45 -5.43
N GLY A 62 0.81 0.15 -5.20
CA GLY A 62 1.13 -0.49 -3.93
C GLY A 62 0.09 -0.44 -2.84
N ILE A 63 -1.06 0.22 -3.11
CA ILE A 63 -2.16 0.36 -2.15
C ILE A 63 -2.81 -1.04 -1.90
N GLN A 64 -3.00 -1.81 -2.99
CA GLN A 64 -3.53 -3.17 -2.92
C GLN A 64 -2.36 -4.13 -2.66
N GLN A 65 -2.48 -4.92 -1.57
CA GLN A 65 -1.49 -5.89 -1.10
C GLN A 65 -1.23 -6.98 -2.13
N SER A 66 0.00 -7.48 -2.15
CA SER A 66 0.44 -8.49 -3.11
C SER A 66 1.46 -9.41 -2.53
N LYS A 67 1.53 -10.65 -3.05
CA LYS A 67 2.54 -11.64 -2.66
C LYS A 67 3.82 -11.40 -3.46
N CYS A 68 4.92 -12.12 -3.13
CA CYS A 68 6.20 -11.98 -3.88
C CYS A 68 6.08 -12.31 -5.37
N VAL A 69 6.85 -11.60 -6.20
CA VAL A 69 6.93 -11.77 -7.66
C VAL A 69 8.39 -12.20 -7.89
N THR A 70 8.62 -13.51 -8.11
CA THR A 70 9.98 -14.05 -8.13
C THR A 70 10.47 -14.57 -9.49
N ILE A 71 11.79 -14.41 -9.69
CA ILE A 71 12.54 -14.88 -10.84
C ILE A 71 13.71 -15.72 -10.33
N ALA A 72 14.24 -16.62 -11.16
CA ALA A 72 15.40 -17.41 -10.80
C ALA A 72 16.62 -16.49 -10.62
N ARG A 73 17.43 -16.74 -9.56
CA ARG A 73 18.68 -16.02 -9.31
C ARG A 73 19.76 -16.62 -10.23
N THR A 74 20.59 -15.74 -10.79
CA THR A 74 21.74 -16.10 -11.64
C THR A 74 22.96 -16.42 -10.71
N LEU A 75 24.03 -17.06 -11.25
CA LEU A 75 25.23 -17.42 -10.49
C LEU A 75 25.81 -16.27 -9.63
N ASP A 76 25.83 -15.03 -10.16
CA ASP A 76 26.38 -13.84 -9.47
C ASP A 76 25.30 -12.86 -8.98
N GLY A 77 24.02 -13.22 -9.15
CA GLY A 77 22.90 -12.41 -8.69
C GLY A 77 22.47 -11.29 -9.62
N ARG A 78 23.29 -10.93 -10.57
CA ARG A 78 22.99 -9.88 -11.56
C ARG A 78 22.15 -10.37 -12.75
N LEU A 79 21.32 -9.46 -13.26
CA LEU A 79 20.42 -9.67 -14.38
C LEU A 79 20.83 -8.68 -15.49
N GLN A 80 20.96 -9.19 -16.71
CA GLN A 80 21.28 -8.37 -17.87
C GLN A 80 20.03 -8.04 -18.64
N VAL A 81 19.87 -6.75 -18.95
CA VAL A 81 18.78 -6.19 -19.76
C VAL A 81 19.44 -5.25 -20.75
N ALA A 82 19.16 -5.42 -22.04
CA ALA A 82 19.68 -4.60 -23.14
C ALA A 82 21.20 -4.26 -22.99
N GLY A 83 22.00 -5.29 -22.75
CA GLY A 83 23.44 -5.19 -22.57
C GLY A 83 23.95 -4.60 -21.26
N LYS A 84 23.04 -4.20 -20.35
CA LYS A 84 23.41 -3.60 -19.07
C LYS A 84 23.04 -4.54 -17.91
N LYS A 85 23.99 -4.76 -16.99
CA LYS A 85 23.79 -5.63 -15.83
C LYS A 85 23.48 -4.81 -14.60
N GLY A 86 22.73 -5.42 -13.68
CA GLY A 86 22.34 -4.82 -12.42
C GLY A 86 21.59 -5.85 -11.59
N PHE A 87 21.26 -5.51 -10.35
CA PHE A 87 20.49 -6.43 -9.51
C PHE A 87 19.01 -6.42 -9.91
N PRO A 88 18.36 -7.60 -9.98
CA PRO A 88 16.96 -7.62 -10.47
C PRO A 88 15.97 -6.82 -9.65
N HIS A 89 16.10 -6.81 -8.32
CA HIS A 89 15.20 -6.05 -7.44
C HIS A 89 15.42 -4.52 -7.56
N VAL A 90 16.65 -4.07 -7.91
CA VAL A 90 17.01 -2.66 -8.09
C VAL A 90 16.49 -2.20 -9.43
N ILE A 91 16.59 -3.06 -10.46
CA ILE A 91 16.10 -2.79 -11.82
C ILE A 91 14.61 -2.47 -11.81
N TYR A 92 13.79 -3.37 -11.24
CA TYR A 92 12.33 -3.20 -11.24
C TYR A 92 11.85 -2.14 -10.24
N SER A 93 12.59 -1.88 -9.13
CA SER A 93 12.26 -0.81 -8.16
C SER A 93 12.59 0.52 -8.81
N ARG A 94 13.64 0.58 -9.68
CA ARG A 94 14.03 1.80 -10.42
C ARG A 94 12.99 2.13 -11.51
N ILE A 95 12.43 1.08 -12.19
CA ILE A 95 11.41 1.22 -13.23
C ILE A 95 10.09 1.78 -12.71
N TRP A 96 9.55 1.20 -11.62
CA TRP A 96 8.22 1.55 -11.11
C TRP A 96 8.17 2.48 -9.91
N ARG A 97 9.29 2.73 -9.24
CA ARG A 97 9.22 3.57 -8.04
C ARG A 97 10.25 4.69 -7.93
N TRP A 98 11.57 4.38 -7.92
CA TRP A 98 12.63 5.39 -7.75
C TRP A 98 13.53 5.54 -8.98
N PRO A 99 13.21 6.46 -9.92
CA PRO A 99 14.02 6.59 -11.16
C PRO A 99 15.51 6.93 -10.98
N ASP A 100 15.89 7.47 -9.81
CA ASP A 100 17.28 7.83 -9.46
C ASP A 100 17.93 6.83 -8.50
N LEU A 101 17.30 5.66 -8.31
CA LEU A 101 17.78 4.60 -7.42
C LEU A 101 19.19 4.13 -7.72
N HIS A 102 19.98 4.00 -6.67
CA HIS A 102 21.33 3.46 -6.74
C HIS A 102 21.42 2.12 -6.01
N LYS A 103 22.56 1.43 -6.16
CA LYS A 103 22.84 0.15 -5.53
C LYS A 103 23.00 0.50 -4.04
N ASN A 104 22.52 -0.40 -3.20
CA ASN A 104 22.50 -0.49 -1.73
C ASN A 104 21.55 0.54 -1.02
N GLU A 105 20.50 1.00 -1.74
CA GLU A 105 19.48 1.92 -1.24
C GLU A 105 18.14 1.23 -0.93
N LEU A 106 18.11 -0.12 -0.89
CA LEU A 106 16.89 -0.91 -0.65
C LEU A 106 16.91 -1.85 0.54
N LYS A 107 15.82 -1.84 1.30
CA LYS A 107 15.60 -2.71 2.45
C LYS A 107 14.25 -3.41 2.22
N HIS A 108 14.23 -4.75 2.23
CA HIS A 108 12.99 -5.50 2.04
C HIS A 108 12.03 -5.37 3.23
N ILE A 109 10.73 -5.56 2.99
CA ILE A 109 9.70 -5.53 4.04
C ILE A 109 9.70 -6.87 4.82
N LYS A 110 9.05 -6.89 5.99
CA LYS A 110 8.95 -8.06 6.86
C LYS A 110 8.34 -9.28 6.15
N LEU A 111 7.25 -9.08 5.40
CA LEU A 111 6.54 -10.14 4.69
C LEU A 111 7.17 -10.58 3.34
N CYS A 112 8.32 -9.97 2.94
CA CYS A 112 9.00 -10.39 1.71
C CYS A 112 9.82 -11.67 1.98
N LYS A 113 9.29 -12.80 1.52
CA LYS A 113 9.81 -14.16 1.70
C LYS A 113 10.95 -14.54 0.77
N PHE A 114 11.05 -13.83 -0.36
CA PHE A 114 12.07 -14.12 -1.36
C PHE A 114 12.98 -12.93 -1.65
N ALA A 115 13.23 -12.06 -0.66
CA ALA A 115 14.09 -10.89 -0.79
C ALA A 115 15.51 -11.20 -1.30
N PHE A 116 16.15 -10.21 -1.95
CA PHE A 116 17.51 -10.33 -2.49
C PHE A 116 18.55 -10.66 -1.39
N ASP A 117 18.42 -10.01 -0.21
CA ASP A 117 19.25 -10.13 1.00
C ASP A 117 19.24 -11.55 1.58
N LEU A 118 18.15 -12.31 1.31
CA LEU A 118 17.94 -13.67 1.85
C LEU A 118 18.73 -14.73 1.11
N LYS A 119 19.32 -14.37 -0.04
CA LYS A 119 20.19 -15.19 -0.89
C LYS A 119 19.60 -16.58 -1.24
N LEU A 120 18.30 -16.58 -1.59
CA LEU A 120 17.54 -17.77 -2.01
C LEU A 120 17.67 -18.05 -3.51
N ASP A 121 17.24 -19.25 -3.96
CA ASP A 121 17.24 -19.74 -5.35
C ASP A 121 16.57 -18.75 -6.29
N HIS A 122 15.50 -18.12 -5.78
CA HIS A 122 14.64 -17.14 -6.43
C HIS A 122 14.67 -15.80 -5.72
N VAL A 123 14.47 -14.73 -6.49
CA VAL A 123 14.54 -13.36 -5.99
C VAL A 123 13.25 -12.61 -6.25
N CYS A 124 12.70 -11.97 -5.21
CA CYS A 124 11.51 -11.16 -5.41
C CYS A 124 11.86 -9.78 -5.98
N VAL A 125 11.18 -9.46 -7.09
CA VAL A 125 11.33 -8.25 -7.87
C VAL A 125 10.09 -7.32 -7.74
N ASN A 126 9.17 -7.64 -6.81
CA ASN A 126 7.99 -6.82 -6.49
C ASN A 126 8.51 -5.49 -5.87
N PRO A 127 8.37 -4.34 -6.57
CA PRO A 127 8.94 -3.09 -6.04
C PRO A 127 8.31 -2.56 -4.76
N TYR A 128 7.06 -2.98 -4.50
CA TYR A 128 6.35 -2.61 -3.30
C TYR A 128 6.65 -3.59 -2.15
N HIS A 129 7.69 -4.44 -2.30
CA HIS A 129 8.18 -5.36 -1.26
C HIS A 129 9.52 -4.85 -0.68
N TYR A 130 9.94 -3.68 -1.16
CA TYR A 130 11.18 -3.00 -0.79
C TYR A 130 10.89 -1.57 -0.37
N GLU A 131 11.80 -1.00 0.42
CA GLU A 131 11.76 0.36 0.94
C GLU A 131 13.09 1.03 0.61
N ARG A 132 13.11 2.35 0.46
CA ARG A 132 14.33 3.10 0.17
C ARG A 132 14.99 3.60 1.47
N VAL A 133 16.34 3.67 1.50
CA VAL A 133 17.09 4.14 2.68
C VAL A 133 17.95 5.37 2.35
N ASP B 11 2.17 15.47 26.01
CA ASP B 11 1.48 14.29 26.52
C ASP B 11 1.71 13.03 25.66
N ALA B 12 2.61 13.13 24.64
CA ALA B 12 3.00 12.11 23.64
C ALA B 12 1.94 11.84 22.56
N THR B 13 0.63 11.94 22.91
CA THR B 13 -0.48 11.76 21.95
C THR B 13 -0.58 12.99 21.00
N LEU B 14 0.00 14.16 21.41
CA LEU B 14 0.07 15.41 20.60
C LEU B 14 0.88 15.15 19.32
N GLY B 15 2.00 14.43 19.45
CA GLY B 15 2.88 14.04 18.35
C GLY B 15 2.14 13.14 17.38
N ILE B 16 1.40 12.14 17.91
CA ILE B 16 0.58 11.21 17.14
C ILE B 16 -0.57 11.95 16.43
N VAL B 17 -1.31 12.82 17.14
CA VAL B 17 -2.42 13.59 16.55
C VAL B 17 -1.91 14.52 15.42
N HIS B 18 -0.73 15.20 15.61
CA HIS B 18 -0.10 16.06 14.59
C HIS B 18 0.25 15.29 13.32
N THR B 19 0.99 14.16 13.44
CA THR B 19 1.41 13.39 12.26
C THR B 19 0.18 12.89 11.47
N LEU B 20 -0.88 12.48 12.15
CA LEU B 20 -2.12 12.06 11.51
C LEU B 20 -2.89 13.25 10.88
N MET B 21 -2.78 14.46 11.47
CA MET B 21 -3.42 15.69 10.98
C MET B 21 -2.80 16.19 9.67
N CYS B 22 -1.48 15.99 9.51
CA CYS B 22 -0.72 16.37 8.31
C CYS B 22 -1.27 15.73 7.03
N HIS B 23 -1.83 14.53 7.18
CA HIS B 23 -2.34 13.72 6.09
C HIS B 23 -3.85 13.94 5.79
N ARG B 24 -4.51 14.90 6.49
CA ARG B 24 -5.91 15.25 6.24
C ARG B 24 -6.08 15.93 4.89
N GLN B 25 -7.16 15.59 4.17
CA GLN B 25 -7.41 16.07 2.81
C GLN B 25 -8.14 17.43 2.71
N GLY B 26 -8.75 17.88 3.79
CA GLY B 26 -9.44 19.17 3.84
C GLY B 26 -10.89 19.16 3.45
N GLY B 27 -11.52 17.98 3.52
CA GLY B 27 -12.93 17.79 3.23
C GLY B 27 -13.80 18.11 4.41
N GLU B 28 -13.17 18.34 5.57
CA GLU B 28 -13.83 18.68 6.82
C GLU B 28 -13.17 19.88 7.43
N SER B 29 -13.87 20.55 8.36
CA SER B 29 -13.32 21.70 9.08
C SER B 29 -12.16 21.23 9.98
N GLU B 30 -11.28 22.17 10.36
CA GLU B 30 -10.14 21.92 11.24
C GLU B 30 -10.60 21.31 12.58
N ASN B 31 -11.68 21.86 13.16
CA ASN B 31 -12.29 21.44 14.41
C ASN B 31 -12.83 20.02 14.31
N PHE B 32 -13.49 19.69 13.19
CA PHE B 32 -14.03 18.36 12.96
C PHE B 32 -12.89 17.33 12.86
N ALA B 33 -11.91 17.60 11.99
CA ALA B 33 -10.74 16.74 11.78
C ALA B 33 -9.96 16.53 13.08
N LYS B 34 -9.67 17.60 13.85
CA LYS B 34 -8.95 17.52 15.10
C LYS B 34 -9.67 16.63 16.10
N ARG B 35 -11.00 16.86 16.31
CA ARG B 35 -11.87 16.11 17.23
C ARG B 35 -12.01 14.64 16.85
N ALA B 36 -12.16 14.34 15.53
CA ALA B 36 -12.29 12.99 15.03
C ALA B 36 -11.01 12.20 15.24
N VAL B 37 -9.84 12.81 14.96
CA VAL B 37 -8.53 12.17 15.12
C VAL B 37 -8.24 11.94 16.61
N GLU B 38 -8.45 12.97 17.47
CA GLU B 38 -8.25 12.87 18.93
C GLU B 38 -9.11 11.77 19.56
N SER B 39 -10.36 11.63 19.08
CA SER B 39 -11.33 10.64 19.55
C SER B 39 -10.84 9.23 19.23
N LEU B 40 -10.40 9.01 17.99
CA LEU B 40 -9.88 7.72 17.54
C LEU B 40 -8.60 7.34 18.29
N VAL B 41 -7.62 8.22 18.37
CA VAL B 41 -6.36 8.00 19.11
C VAL B 41 -6.65 7.60 20.57
N LYS B 42 -7.58 8.30 21.27
CA LYS B 42 -7.99 7.99 22.64
C LYS B 42 -8.58 6.57 22.73
N LYS B 43 -9.41 6.15 21.73
CA LYS B 43 -10.02 4.82 21.68
C LYS B 43 -8.98 3.68 21.51
N LEU B 44 -7.84 4.02 20.89
CA LEU B 44 -6.73 3.08 20.67
C LEU B 44 -5.66 3.15 21.77
N LYS B 45 -5.91 3.92 22.87
CA LYS B 45 -5.01 4.11 24.03
C LYS B 45 -4.39 2.81 24.55
N ASP B 46 -5.22 1.76 24.69
CA ASP B 46 -4.71 0.47 25.15
C ASP B 46 -4.75 -0.60 24.04
N LYS B 47 -4.55 -0.14 22.79
CA LYS B 47 -4.48 -0.96 21.58
C LYS B 47 -3.27 -0.49 20.72
N ARG B 48 -2.04 -0.65 21.28
CA ARG B 48 -0.75 -0.25 20.66
C ARG B 48 -0.58 -0.78 19.25
N ASP B 49 -0.95 -2.05 19.02
CA ASP B 49 -0.89 -2.71 17.72
C ASP B 49 -1.78 -2.03 16.67
N GLU B 50 -3.01 -1.61 17.07
CA GLU B 50 -3.96 -0.93 16.18
C GLU B 50 -3.59 0.54 15.96
N LEU B 51 -3.03 1.20 16.99
CA LEU B 51 -2.55 2.57 16.84
C LEU B 51 -1.35 2.60 15.88
N ASP B 52 -0.44 1.60 16.00
CA ASP B 52 0.73 1.44 15.14
C ASP B 52 0.29 1.17 13.70
N ALA B 53 -0.75 0.34 13.51
CA ALA B 53 -1.34 0.00 12.21
C ALA B 53 -1.87 1.27 11.52
N LEU B 54 -2.61 2.13 12.25
CA LEU B 54 -3.16 3.38 11.72
C LEU B 54 -2.06 4.32 11.27
N ILE B 55 -1.04 4.56 12.13
CA ILE B 55 0.11 5.43 11.81
C ILE B 55 0.84 4.91 10.58
N THR B 56 1.12 3.59 10.53
CA THR B 56 1.79 2.92 9.41
C THR B 56 1.00 3.16 8.11
N ALA B 57 -0.29 2.85 8.12
CA ALA B 57 -1.20 3.01 6.99
C ALA B 57 -1.27 4.45 6.46
N VAL B 58 -1.49 5.42 7.36
CA VAL B 58 -1.64 6.84 7.04
C VAL B 58 -0.33 7.50 6.56
N THR B 59 0.77 7.37 7.34
CA THR B 59 2.04 8.02 7.03
C THR B 59 2.75 7.44 5.81
N SER B 60 2.42 6.19 5.41
CA SER B 60 3.00 5.58 4.22
C SER B 60 2.06 5.67 3.03
N ASN B 61 0.89 6.32 3.21
CA ASN B 61 -0.15 6.49 2.19
C ASN B 61 -0.63 5.14 1.65
N GLY B 62 -0.72 4.15 2.54
CA GLY B 62 -1.21 2.81 2.25
C GLY B 62 -0.26 1.84 1.58
N ILE B 63 0.97 2.30 1.27
CA ILE B 63 2.03 1.50 0.63
C ILE B 63 2.49 0.38 1.59
N GLN B 64 2.67 0.72 2.88
CA GLN B 64 3.05 -0.22 3.93
C GLN B 64 1.76 -0.84 4.47
N GLN B 65 1.70 -2.19 4.42
CA GLN B 65 0.54 -2.99 4.84
C GLN B 65 0.26 -2.85 6.33
N SER B 66 -1.02 -2.96 6.69
CA SER B 66 -1.49 -2.76 8.05
C SER B 66 -2.67 -3.66 8.37
N LYS B 67 -2.83 -4.00 9.65
CA LYS B 67 -3.96 -4.79 10.14
C LYS B 67 -5.17 -3.84 10.39
N CYS B 68 -6.35 -4.39 10.71
CA CYS B 68 -7.55 -3.57 10.98
C CYS B 68 -7.36 -2.62 12.18
N VAL B 69 -8.01 -1.45 12.11
CA VAL B 69 -7.96 -0.40 13.15
C VAL B 69 -9.40 -0.29 13.54
N THR B 70 -9.77 -0.87 14.68
CA THR B 70 -11.18 -0.97 15.06
C THR B 70 -11.59 -0.21 16.28
N ILE B 71 -12.86 0.23 16.27
CA ILE B 71 -13.58 0.90 17.35
C ILE B 71 -14.85 0.11 17.62
N ALA B 72 -15.42 0.22 18.81
CA ALA B 72 -16.66 -0.48 19.14
C ALA B 72 -17.80 0.09 18.28
N ARG B 73 -18.69 -0.80 17.79
CA ARG B 73 -19.84 -0.40 17.00
C ARG B 73 -20.95 0.09 17.96
N THR B 74 -21.56 1.26 17.63
CA THR B 74 -22.70 1.84 18.35
C THR B 74 -23.97 1.09 17.88
N LEU B 75 -25.07 1.16 18.64
CA LEU B 75 -26.35 0.50 18.35
C LEU B 75 -26.84 0.69 16.90
N ASP B 76 -26.70 1.92 16.35
CA ASP B 76 -27.14 2.26 14.99
C ASP B 76 -26.00 2.39 13.97
N GLY B 77 -24.78 2.07 14.38
CA GLY B 77 -23.59 2.12 13.53
C GLY B 77 -22.91 3.46 13.43
N ARG B 78 -23.65 4.57 13.64
CA ARG B 78 -23.20 5.96 13.52
C ARG B 78 -22.31 6.45 14.68
N LEU B 79 -21.37 7.34 14.34
CA LEU B 79 -20.42 7.98 15.24
C LEU B 79 -20.64 9.50 15.16
N GLN B 80 -20.71 10.16 16.33
CA GLN B 80 -20.88 11.60 16.41
C GLN B 80 -19.55 12.26 16.68
N VAL B 81 -19.24 13.29 15.88
CA VAL B 81 -18.04 14.11 15.99
C VAL B 81 -18.52 15.55 15.84
N ALA B 82 -18.17 16.41 16.80
CA ALA B 82 -18.52 17.84 16.81
C ALA B 82 -19.99 18.11 16.40
N GLY B 83 -20.92 17.38 17.03
CA GLY B 83 -22.35 17.50 16.79
C GLY B 83 -22.88 16.90 15.49
N LYS B 84 -22.01 16.33 14.64
CA LYS B 84 -22.41 15.74 13.36
C LYS B 84 -22.26 14.24 13.41
N LYS B 85 -23.31 13.49 13.02
CA LYS B 85 -23.28 12.02 12.97
C LYS B 85 -22.98 11.55 11.54
N GLY B 86 -22.34 10.38 11.45
CA GLY B 86 -21.97 9.75 10.20
C GLY B 86 -21.40 8.38 10.49
N PHE B 87 -21.12 7.60 9.45
CA PHE B 87 -20.52 6.28 9.62
C PHE B 87 -19.04 6.40 9.92
N PRO B 88 -18.51 5.63 10.90
CA PRO B 88 -17.12 5.80 11.30
C PRO B 88 -16.10 5.52 10.19
N HIS B 89 -16.34 4.49 9.34
CA HIS B 89 -15.44 4.16 8.24
C HIS B 89 -15.45 5.22 7.13
N VAL B 90 -16.57 5.94 6.94
CA VAL B 90 -16.75 7.01 5.93
C VAL B 90 -16.06 8.26 6.44
N ILE B 91 -16.19 8.55 7.75
CA ILE B 91 -15.57 9.70 8.42
C ILE B 91 -14.06 9.69 8.22
N TYR B 92 -13.39 8.58 8.59
CA TYR B 92 -11.94 8.48 8.52
C TYR B 92 -11.43 8.29 7.11
N SER B 93 -12.26 7.70 6.20
CA SER B 93 -11.91 7.56 4.77
C SER B 93 -12.01 8.92 4.10
N ARG B 94 -12.92 9.79 4.56
CA ARG B 94 -13.07 11.15 4.05
C ARG B 94 -11.90 12.04 4.52
N ILE B 95 -11.44 11.87 5.79
CA ILE B 95 -10.33 12.62 6.38
C ILE B 95 -9.00 12.36 5.68
N TRP B 96 -8.63 11.10 5.47
CA TRP B 96 -7.31 10.85 4.91
C TRP B 96 -7.26 10.47 3.45
N ARG B 97 -8.38 10.13 2.79
CA ARG B 97 -8.29 9.69 1.40
C ARG B 97 -9.17 10.47 0.41
N TRP B 98 -10.49 10.48 0.62
CA TRP B 98 -11.44 11.08 -0.32
C TRP B 98 -12.20 12.25 0.29
N PRO B 99 -11.69 13.50 0.16
CA PRO B 99 -12.37 14.67 0.77
C PRO B 99 -13.80 14.94 0.31
N ASP B 100 -14.20 14.41 -0.87
CA ASP B 100 -15.55 14.56 -1.42
C ASP B 100 -16.39 13.29 -1.24
N LEU B 101 -15.93 12.32 -0.41
CA LEU B 101 -16.57 11.01 -0.16
C LEU B 101 -17.96 11.08 0.44
N HIS B 102 -18.94 10.45 -0.24
CA HIS B 102 -20.33 10.37 0.19
C HIS B 102 -20.63 8.98 0.77
N LYS B 103 -21.85 8.82 1.34
CA LYS B 103 -22.33 7.65 2.09
C LYS B 103 -22.06 6.20 1.52
N ASN B 104 -22.61 5.76 0.38
CA ASN B 104 -22.44 4.37 -0.03
C ASN B 104 -21.42 4.22 -1.19
N GLU B 105 -20.28 4.90 -1.05
CA GLU B 105 -19.20 4.92 -2.03
C GLU B 105 -17.99 4.04 -1.62
N LEU B 106 -18.14 3.17 -0.60
CA LEU B 106 -17.04 2.32 -0.09
C LEU B 106 -17.29 0.82 -0.12
N LYS B 107 -16.28 0.06 -0.56
CA LYS B 107 -16.28 -1.39 -0.58
C LYS B 107 -15.00 -1.85 0.14
N HIS B 108 -15.13 -2.71 1.17
CA HIS B 108 -13.97 -3.19 1.92
C HIS B 108 -13.11 -4.16 1.11
N ILE B 109 -11.81 -4.27 1.48
CA ILE B 109 -10.89 -5.21 0.81
C ILE B 109 -11.11 -6.64 1.35
N LYS B 110 -10.58 -7.65 0.66
CA LYS B 110 -10.72 -9.05 1.04
C LYS B 110 -10.23 -9.36 2.46
N LEU B 111 -9.05 -8.84 2.82
CA LEU B 111 -8.41 -9.04 4.11
C LEU B 111 -8.94 -8.17 5.27
N CYS B 112 -9.98 -7.32 5.01
CA CYS B 112 -10.58 -6.52 6.08
C CYS B 112 -11.56 -7.39 6.87
N LYS B 113 -11.13 -7.82 8.07
CA LYS B 113 -11.83 -8.73 8.97
C LYS B 113 -12.94 -8.09 9.79
N PHE B 114 -12.88 -6.78 9.98
CA PHE B 114 -13.84 -6.03 10.75
C PHE B 114 -14.53 -4.93 9.98
N ALA B 115 -14.68 -5.09 8.67
CA ALA B 115 -15.32 -4.08 7.82
C ALA B 115 -16.74 -3.72 8.30
N PHE B 116 -17.16 -2.46 8.10
CA PHE B 116 -18.49 -1.97 8.49
C PHE B 116 -19.62 -2.91 8.04
N ASP B 117 -19.61 -3.19 6.75
CA ASP B 117 -20.48 -4.03 5.93
C ASP B 117 -20.72 -5.48 6.54
N LEU B 118 -19.78 -5.97 7.40
CA LEU B 118 -19.81 -7.30 8.05
C LEU B 118 -20.68 -7.37 9.30
N LYS B 119 -21.14 -6.20 9.77
CA LYS B 119 -22.03 -5.99 10.91
C LYS B 119 -21.55 -6.67 12.22
N LEU B 120 -20.22 -6.58 12.49
CA LEU B 120 -19.59 -7.14 13.67
C LEU B 120 -19.58 -6.16 14.86
N ASP B 121 -19.18 -6.66 16.06
CA ASP B 121 -19.02 -5.93 17.35
C ASP B 121 -18.17 -4.67 17.18
N HIS B 122 -17.04 -4.79 16.42
CA HIS B 122 -16.05 -3.77 16.11
C HIS B 122 -16.06 -3.42 14.66
N VAL B 123 -15.78 -2.15 14.35
CA VAL B 123 -15.77 -1.64 12.99
C VAL B 123 -14.37 -1.14 12.64
N CYS B 124 -13.79 -1.64 11.53
CA CYS B 124 -12.51 -1.16 11.02
C CYS B 124 -12.73 0.20 10.39
N VAL B 125 -11.89 1.18 10.80
CA VAL B 125 -11.86 2.58 10.37
C VAL B 125 -10.56 2.88 9.61
N ASN B 126 -9.75 1.83 9.30
CA ASN B 126 -8.50 1.90 8.52
C ASN B 126 -8.91 2.30 7.09
N PRO B 127 -8.56 3.53 6.63
CA PRO B 127 -9.04 3.99 5.32
C PRO B 127 -8.47 3.24 4.13
N TYR B 128 -7.32 2.59 4.34
CA TYR B 128 -6.65 1.80 3.33
C TYR B 128 -7.15 0.33 3.35
N HIS B 129 -8.26 0.07 4.07
CA HIS B 129 -8.94 -1.24 4.10
C HIS B 129 -10.26 -1.19 3.30
N TYR B 130 -10.50 -0.02 2.68
CA TYR B 130 -11.66 0.29 1.85
C TYR B 130 -11.23 0.80 0.48
N GLU B 131 -12.13 0.69 -0.49
CA GLU B 131 -11.95 1.12 -1.87
C GLU B 131 -13.16 1.98 -2.23
N ARG B 132 -12.99 2.92 -3.16
CA ARG B 132 -14.09 3.79 -3.60
C ARG B 132 -14.79 3.19 -4.84
N VAL B 133 -16.11 3.42 -4.98
CA VAL B 133 -16.90 2.90 -6.12
C VAL B 133 -17.57 4.04 -6.91
#